data_5MSF
#
_entry.id   5MSF
#
_cell.length_a   287.300
_cell.length_b   287.300
_cell.length_c   651.600
_cell.angle_alpha   90.00
_cell.angle_beta   90.00
_cell.angle_gamma   120.00
#
_symmetry.space_group_name_H-M   'H 3 2'
#
loop_
_entity.id
_entity.type
_entity.pdbx_description
1 polymer "5'-R(*CP*CP*GP*GP*AP*GP*GP*AP*UP*CP*AP*CP*CP*AP*CP*GP*GP*G)-3'"
2 polymer 'MS2 PROTEIN CAPSID'
3 water water
#
loop_
_entity_poly.entity_id
_entity_poly.type
_entity_poly.pdbx_seq_one_letter_code
_entity_poly.pdbx_strand_id
1 'polyribonucleotide' CCGGAGGAUCACCACGGG R,S
2 'polypeptide(L)'
;ASNFTQFVLVDNGGTGDVTVAPSNFANGVAEWISSNSRSQAYKVTCSVRQSSAQNRKYTIKVEVPKVATQTVGGVELPVA
AWRSYLNMELTIPIFATNSDCELIVKAMQGLLKDGNPIPSAIAANSGIY
;
A,B,C
#
loop_
_chem_comp.id
_chem_comp.type
_chem_comp.name
_chem_comp.formula
A RNA linking ADENOSINE-5'-MONOPHOSPHATE 'C10 H14 N5 O7 P'
C RNA linking CYTIDINE-5'-MONOPHOSPHATE 'C9 H14 N3 O8 P'
G RNA linking GUANOSINE-5'-MONOPHOSPHATE 'C10 H14 N5 O8 P'
U RNA linking URIDINE-5'-MONOPHOSPHATE 'C9 H13 N2 O9 P'
#
# COMPACT_ATOMS: atom_id res chain seq x y z
N ALA C 1 -1.85 12.25 7.61
CA ALA C 1 -1.66 12.52 6.16
C ALA C 1 -1.63 11.22 5.34
N SER C 2 -1.32 11.40 4.06
CA SER C 2 -1.22 10.35 3.06
C SER C 2 -1.18 11.18 1.80
N ASN C 3 -0.11 11.07 1.04
CA ASN C 3 0.02 11.88 -0.17
C ASN C 3 -0.61 11.24 -1.40
N PHE C 4 -1.19 10.05 -1.22
CA PHE C 4 -1.82 9.36 -2.34
C PHE C 4 -3.24 9.90 -2.50
N THR C 5 -3.35 11.10 -3.02
CA THR C 5 -4.63 11.76 -3.22
C THR C 5 -4.82 12.14 -4.68
N GLN C 6 -6.05 12.51 -5.03
CA GLN C 6 -6.35 12.90 -6.40
C GLN C 6 -5.86 14.34 -6.59
N PHE C 7 -5.62 14.71 -7.83
CA PHE C 7 -5.15 16.05 -8.13
C PHE C 7 -5.47 16.45 -9.56
N VAL C 8 -5.39 17.75 -9.82
CA VAL C 8 -5.66 18.27 -11.16
C VAL C 8 -4.40 18.21 -12.00
N LEU C 9 -4.44 17.35 -13.02
CA LEU C 9 -3.30 17.18 -13.91
C LEU C 9 -3.28 18.28 -14.95
N VAL C 10 -4.45 18.61 -15.49
CA VAL C 10 -4.57 19.66 -16.50
C VAL C 10 -5.51 20.73 -16.02
N ASP C 11 -4.96 21.88 -15.64
CA ASP C 11 -5.77 22.99 -15.17
C ASP C 11 -6.27 23.81 -16.34
N ASN C 12 -7.58 23.74 -16.56
CA ASN C 12 -8.19 24.49 -17.66
C ASN C 12 -9.16 25.53 -17.11
N GLY C 13 -8.80 26.08 -15.95
CA GLY C 13 -9.60 27.12 -15.31
C GLY C 13 -10.92 26.66 -14.73
N GLY C 14 -10.93 25.48 -14.12
CA GLY C 14 -12.15 24.97 -13.53
C GLY C 14 -13.14 24.38 -14.53
N THR C 15 -13.02 24.77 -15.80
CA THR C 15 -13.91 24.28 -16.84
C THR C 15 -13.17 23.42 -17.87
N GLY C 16 -13.31 22.11 -17.75
CA GLY C 16 -12.63 21.21 -18.66
C GLY C 16 -11.35 20.72 -18.01
N ASP C 17 -11.35 20.76 -16.69
CA ASP C 17 -10.21 20.34 -15.89
C ASP C 17 -10.04 18.82 -15.94
N VAL C 18 -8.81 18.36 -16.13
CA VAL C 18 -8.57 16.92 -16.13
C VAL C 18 -8.04 16.56 -14.76
N THR C 19 -8.79 15.72 -14.06
CA THR C 19 -8.44 15.28 -12.74
C THR C 19 -8.14 13.79 -12.74
N VAL C 20 -7.05 13.40 -12.07
CA VAL C 20 -6.70 11.99 -11.97
C VAL C 20 -6.80 11.61 -10.50
N ALA C 21 -7.22 10.38 -10.23
CA ALA C 21 -7.37 9.91 -8.85
C ALA C 21 -6.68 8.59 -8.62
N PRO C 22 -6.31 8.31 -7.36
CA PRO C 22 -5.63 7.05 -7.04
C PRO C 22 -6.46 5.90 -7.59
N SER C 23 -5.80 4.98 -8.28
CA SER C 23 -6.49 3.84 -8.86
C SER C 23 -5.82 2.51 -8.59
N ASN C 24 -4.55 2.54 -8.18
CA ASN C 24 -3.85 1.30 -7.90
C ASN C 24 -2.50 1.52 -7.24
N PHE C 25 -2.07 0.56 -6.43
CA PHE C 25 -0.78 0.64 -5.75
C PHE C 25 -0.12 -0.73 -5.78
N ALA C 26 -0.67 -1.62 -6.60
CA ALA C 26 -0.16 -2.96 -6.73
C ALA C 26 1.30 -2.96 -7.19
N ASN C 27 2.11 -3.76 -6.52
CA ASN C 27 3.52 -3.90 -6.84
C ASN C 27 4.37 -2.65 -6.61
N GLY C 28 3.97 -1.81 -5.67
CA GLY C 28 4.75 -0.62 -5.40
C GLY C 28 4.70 0.48 -6.44
N VAL C 29 3.79 0.37 -7.40
CA VAL C 29 3.66 1.41 -8.40
C VAL C 29 2.35 2.14 -8.16
N ALA C 30 2.45 3.37 -7.72
CA ALA C 30 1.26 4.18 -7.46
C ALA C 30 0.70 4.64 -8.81
N GLU C 31 -0.59 4.46 -8.98
CA GLU C 31 -1.25 4.85 -10.23
C GLU C 31 -2.46 5.75 -10.01
N TRP C 32 -2.64 6.68 -10.94
CA TRP C 32 -3.76 7.61 -10.92
C TRP C 32 -4.33 7.55 -12.33
N ILE C 33 -5.65 7.70 -12.47
CA ILE C 33 -6.27 7.73 -13.80
C ILE C 33 -7.43 8.70 -13.79
N SER C 34 -7.74 9.25 -14.95
CA SER C 34 -8.85 10.20 -15.07
C SER C 34 -10.13 9.39 -15.09
N SER C 35 -11.23 10.06 -14.76
CA SER C 35 -12.54 9.42 -14.73
C SER C 35 -13.04 9.05 -16.13
N ASN C 36 -12.33 8.14 -16.79
CA ASN C 36 -12.68 7.71 -18.14
C ASN C 36 -12.64 6.20 -18.26
N SER C 37 -12.94 5.73 -19.46
CA SER C 37 -12.87 4.31 -19.73
C SER C 37 -11.36 4.09 -19.73
N ARG C 38 -10.92 2.91 -19.32
CA ARG C 38 -9.50 2.63 -19.26
C ARG C 38 -8.78 2.86 -20.59
N SER C 39 -9.52 2.79 -21.69
CA SER C 39 -8.92 2.99 -23.01
C SER C 39 -8.74 4.45 -23.40
N GLN C 40 -9.43 5.34 -22.70
CA GLN C 40 -9.34 6.77 -23.02
C GLN C 40 -8.82 7.58 -21.84
N ALA C 41 -8.30 6.90 -20.83
CA ALA C 41 -7.86 7.60 -19.64
C ALA C 41 -6.47 8.20 -19.64
N TYR C 42 -6.32 9.26 -18.87
CA TYR C 42 -5.03 9.90 -18.67
C TYR C 42 -4.44 8.97 -17.62
N LYS C 43 -3.14 8.74 -17.65
CA LYS C 43 -2.55 7.85 -16.67
C LYS C 43 -1.28 8.43 -16.07
N VAL C 44 -1.15 8.31 -14.76
CA VAL C 44 0.05 8.79 -14.07
C VAL C 44 0.52 7.72 -13.11
N THR C 45 1.80 7.36 -13.21
CA THR C 45 2.35 6.35 -12.31
C THR C 45 3.61 6.88 -11.68
N CYS C 46 3.91 6.38 -10.50
CA CYS C 46 5.09 6.81 -9.79
C CYS C 46 5.57 5.70 -8.89
N SER C 47 6.88 5.56 -8.82
CA SER C 47 7.51 4.55 -7.99
C SER C 47 8.88 5.07 -7.61
N VAL C 48 9.36 4.66 -6.44
CA VAL C 48 10.65 5.08 -5.97
C VAL C 48 11.34 3.84 -5.45
N ARG C 49 12.61 3.68 -5.78
CA ARG C 49 13.36 2.54 -5.32
C ARG C 49 14.77 2.99 -4.94
N GLN C 50 15.45 2.21 -4.11
CA GLN C 50 16.81 2.55 -3.74
C GLN C 50 17.70 1.91 -4.78
N SER C 51 17.91 2.61 -5.89
CA SER C 51 18.73 2.14 -7.02
C SER C 51 20.12 1.62 -6.67
N SER C 52 20.95 2.46 -6.06
CA SER C 52 22.29 2.06 -5.67
C SER C 52 22.30 2.03 -4.15
N ALA C 53 23.49 1.89 -3.58
CA ALA C 53 23.61 1.89 -2.12
C ALA C 53 23.45 3.33 -1.62
N GLN C 54 23.75 4.30 -2.47
CA GLN C 54 23.68 5.70 -2.08
C GLN C 54 22.76 6.58 -2.89
N ASN C 55 21.92 5.98 -3.72
CA ASN C 55 21.00 6.74 -4.54
C ASN C 55 19.60 6.21 -4.38
N ARG C 56 18.64 7.07 -4.70
CA ARG C 56 17.25 6.69 -4.69
C ARG C 56 16.75 7.19 -6.03
N LYS C 57 15.88 6.40 -6.66
CA LYS C 57 15.40 6.78 -7.96
C LYS C 57 13.89 6.82 -8.07
N TYR C 58 13.38 7.97 -8.50
CA TYR C 58 11.96 8.13 -8.68
C TYR C 58 11.68 7.89 -10.16
N THR C 59 10.67 7.08 -10.47
CA THR C 59 10.31 6.84 -11.85
C THR C 59 8.86 7.27 -12.01
N ILE C 60 8.68 8.34 -12.77
CA ILE C 60 7.37 8.89 -13.00
C ILE C 60 6.99 8.75 -14.47
N LYS C 61 5.71 8.47 -14.70
CA LYS C 61 5.20 8.29 -16.05
C LYS C 61 3.85 8.95 -16.22
N VAL C 62 3.66 9.61 -17.34
CA VAL C 62 2.40 10.24 -17.64
C VAL C 62 2.00 9.88 -19.05
N GLU C 63 0.71 9.59 -19.26
CA GLU C 63 0.19 9.24 -20.56
C GLU C 63 -0.95 10.20 -20.90
N VAL C 64 -0.78 10.96 -21.97
CA VAL C 64 -1.81 11.90 -22.39
C VAL C 64 -2.46 11.37 -23.66
N PRO C 65 -3.75 11.03 -23.60
CA PRO C 65 -4.45 10.51 -24.76
C PRO C 65 -5.16 11.54 -25.63
N LYS C 66 -5.29 11.20 -26.90
CA LYS C 66 -6.04 12.00 -27.86
C LYS C 66 -7.29 11.13 -28.06
N VAL C 67 -8.35 11.45 -27.32
CA VAL C 67 -9.59 10.66 -27.39
C VAL C 67 -10.30 10.69 -28.75
N ALA C 68 -10.86 9.55 -29.12
CA ALA C 68 -11.57 9.42 -30.37
C ALA C 68 -12.57 8.29 -30.30
N THR C 69 -13.49 8.24 -31.25
CA THR C 69 -14.49 7.18 -31.30
C THR C 69 -14.32 6.38 -32.58
N GLN C 70 -13.77 5.19 -32.43
CA GLN C 70 -13.51 4.33 -33.56
C GLN C 70 -14.63 3.34 -33.82
N THR C 71 -14.91 3.10 -35.10
CA THR C 71 -15.95 2.16 -35.50
C THR C 71 -15.31 0.86 -35.95
N VAL C 72 -15.34 -0.14 -35.06
CA VAL C 72 -14.77 -1.46 -35.35
C VAL C 72 -15.87 -2.51 -35.51
N GLY C 73 -15.94 -3.12 -36.70
CA GLY C 73 -16.96 -4.12 -36.96
C GLY C 73 -18.35 -3.49 -36.98
N GLY C 74 -18.43 -2.23 -37.40
CA GLY C 74 -19.71 -1.54 -37.47
C GLY C 74 -20.20 -1.06 -36.12
N VAL C 75 -19.37 -1.22 -35.09
CA VAL C 75 -19.70 -0.81 -33.73
C VAL C 75 -18.77 0.31 -33.23
N GLU C 76 -19.35 1.31 -32.58
CA GLU C 76 -18.57 2.43 -32.05
C GLU C 76 -17.99 2.19 -30.66
N LEU C 77 -16.67 2.33 -30.54
CA LEU C 77 -15.97 2.13 -29.27
C LEU C 77 -15.13 3.33 -28.88
N PRO C 78 -15.05 3.62 -27.57
CA PRO C 78 -14.25 4.76 -27.09
C PRO C 78 -12.77 4.32 -27.08
N VAL C 79 -11.95 5.00 -27.87
CA VAL C 79 -10.53 4.68 -27.97
C VAL C 79 -9.66 5.93 -27.89
N ALA C 80 -8.36 5.74 -28.09
CA ALA C 80 -7.42 6.87 -28.09
C ALA C 80 -6.75 6.86 -29.47
N ALA C 81 -6.91 7.93 -30.22
CA ALA C 81 -6.30 8.01 -31.55
C ALA C 81 -4.81 7.75 -31.41
N TRP C 82 -4.22 8.31 -30.37
CA TRP C 82 -2.81 8.12 -30.07
C TRP C 82 -2.57 8.63 -28.66
N ARG C 83 -1.37 8.38 -28.16
CA ARG C 83 -1.01 8.80 -26.82
C ARG C 83 0.37 9.46 -26.82
N SER C 84 0.53 10.42 -25.91
CA SER C 84 1.82 11.08 -25.75
C SER C 84 2.36 10.47 -24.47
N TYR C 85 3.63 10.07 -24.47
CA TYR C 85 4.20 9.45 -23.29
C TYR C 85 5.33 10.24 -22.66
N LEU C 86 5.17 10.55 -21.38
CA LEU C 86 6.23 11.26 -20.64
C LEU C 86 6.86 10.23 -19.71
N ASN C 87 8.16 10.05 -19.86
CA ASN C 87 8.87 9.11 -19.02
C ASN C 87 10.00 9.84 -18.35
N MET C 88 9.93 10.03 -17.03
CA MET C 88 11.02 10.70 -16.34
C MET C 88 11.60 9.92 -15.16
N GLU C 89 12.92 10.03 -15.01
CA GLU C 89 13.64 9.37 -13.93
C GLU C 89 14.45 10.40 -13.17
N LEU C 90 14.33 10.37 -11.86
CA LEU C 90 15.01 11.33 -11.01
C LEU C 90 15.87 10.59 -9.98
N THR C 91 17.18 10.79 -10.06
CA THR C 91 18.10 10.14 -9.13
C THR C 91 18.64 11.13 -8.10
N ILE C 92 18.34 10.87 -6.83
CA ILE C 92 18.74 11.73 -5.74
C ILE C 92 19.63 11.01 -4.74
N PRO C 93 20.79 11.61 -4.39
CA PRO C 93 21.70 10.98 -3.43
C PRO C 93 21.03 10.94 -2.06
N ILE C 94 21.34 9.91 -1.27
CA ILE C 94 20.74 9.75 0.06
C ILE C 94 21.17 10.85 1.02
N PHE C 95 22.20 11.60 0.64
CA PHE C 95 22.70 12.68 1.49
C PHE C 95 21.93 13.97 1.31
N ALA C 96 20.98 13.96 0.39
CA ALA C 96 20.16 15.14 0.13
C ALA C 96 19.18 15.36 1.27
N THR C 97 19.20 16.55 1.84
CA THR C 97 18.29 16.88 2.92
C THR C 97 16.97 17.30 2.31
N ASN C 98 15.99 17.60 3.15
CA ASN C 98 14.69 18.00 2.63
C ASN C 98 14.81 19.31 1.86
N SER C 99 15.62 20.24 2.37
CA SER C 99 15.82 21.51 1.70
C SER C 99 16.45 21.27 0.33
N ASP C 100 17.38 20.31 0.27
CA ASP C 100 18.05 19.96 -0.97
C ASP C 100 17.02 19.48 -1.99
N CYS C 101 16.07 18.66 -1.52
CA CYS C 101 15.04 18.11 -2.40
C CYS C 101 14.04 19.17 -2.86
N GLU C 102 13.72 20.13 -2.00
CA GLU C 102 12.79 21.19 -2.37
C GLU C 102 13.39 21.95 -3.55
N LEU C 103 14.72 22.05 -3.53
CA LEU C 103 15.47 22.72 -4.59
C LEU C 103 15.18 22.04 -5.91
N ILE C 104 15.28 20.71 -5.90
CA ILE C 104 15.02 19.92 -7.08
C ILE C 104 13.61 20.19 -7.59
N VAL C 105 12.62 20.14 -6.70
CA VAL C 105 11.25 20.39 -7.10
C VAL C 105 11.08 21.77 -7.72
N LYS C 106 11.64 22.79 -7.07
CA LYS C 106 11.55 24.14 -7.58
C LYS C 106 12.18 24.22 -8.98
N ALA C 107 13.33 23.57 -9.17
CA ALA C 107 14.00 23.59 -10.46
C ALA C 107 13.11 23.00 -11.55
N MET C 108 12.45 21.89 -11.24
CA MET C 108 11.58 21.24 -12.21
C MET C 108 10.37 22.11 -12.54
N GLN C 109 9.86 22.81 -11.54
CA GLN C 109 8.72 23.69 -11.75
C GLN C 109 9.14 24.85 -12.62
N GLY C 110 10.34 25.36 -12.36
CA GLY C 110 10.86 26.49 -13.14
C GLY C 110 11.11 26.07 -14.58
N LEU C 111 11.65 24.87 -14.76
CA LEU C 111 11.94 24.36 -16.09
C LEU C 111 10.71 24.43 -17.00
N LEU C 112 9.54 24.19 -16.44
CA LEU C 112 8.30 24.19 -17.22
C LEU C 112 7.37 25.37 -17.07
N LYS C 113 7.79 26.40 -16.36
CA LYS C 113 6.94 27.57 -16.20
C LYS C 113 6.58 28.17 -17.55
N ASP C 114 5.36 28.69 -17.68
CA ASP C 114 4.92 29.30 -18.93
C ASP C 114 5.88 30.40 -19.34
N GLY C 115 6.23 30.43 -20.62
CA GLY C 115 7.12 31.46 -21.09
C GLY C 115 8.57 31.04 -21.18
N ASN C 116 8.97 30.06 -20.39
CA ASN C 116 10.36 29.62 -20.42
C ASN C 116 10.64 28.84 -21.71
N PRO C 117 11.91 28.76 -22.11
CA PRO C 117 12.30 28.06 -23.34
C PRO C 117 11.69 26.69 -23.64
N ILE C 118 12.01 25.69 -22.83
CA ILE C 118 11.51 24.35 -23.09
C ILE C 118 9.99 24.25 -23.33
N PRO C 119 9.17 24.73 -22.38
CA PRO C 119 7.72 24.64 -22.63
C PRO C 119 7.30 25.37 -23.90
N SER C 120 7.99 26.46 -24.21
CA SER C 120 7.67 27.24 -25.40
C SER C 120 7.92 26.44 -26.66
N ALA C 121 9.10 25.83 -26.73
CA ALA C 121 9.46 25.02 -27.88
C ALA C 121 8.49 23.88 -28.09
N ILE C 122 8.23 23.14 -27.01
CA ILE C 122 7.32 22.01 -27.08
C ILE C 122 5.95 22.41 -27.63
N ALA C 123 5.38 23.45 -27.04
CA ALA C 123 4.06 23.91 -27.44
C ALA C 123 3.98 24.48 -28.85
N ALA C 124 5.14 24.67 -29.47
CA ALA C 124 5.17 25.24 -30.81
C ALA C 124 5.68 24.25 -31.85
N ASN C 125 5.83 22.99 -31.44
CA ASN C 125 6.31 21.97 -32.36
C ASN C 125 7.62 22.44 -32.97
N SER C 126 8.54 22.90 -32.11
CA SER C 126 9.82 23.37 -32.59
C SER C 126 10.94 22.97 -31.65
N GLY C 127 12.18 23.13 -32.12
CA GLY C 127 13.32 22.82 -31.28
C GLY C 127 13.76 24.12 -30.62
N ILE C 128 14.96 24.12 -30.06
CA ILE C 128 15.47 25.33 -29.43
C ILE C 128 16.49 25.98 -30.36
N TYR C 129 16.43 27.30 -30.48
CA TYR C 129 17.33 28.03 -31.35
C TYR C 129 17.40 29.52 -31.02
N ALA D 1 -9.94 1.12 13.01
CA ALA D 1 -8.55 1.55 13.30
C ALA D 1 -7.88 2.20 12.07
N SER D 2 -6.56 2.12 12.06
CA SER D 2 -5.69 2.66 11.02
C SER D 2 -4.49 3.07 11.82
N ASN D 3 -3.55 2.15 11.95
CA ASN D 3 -2.35 2.38 12.73
C ASN D 3 -1.21 3.09 12.02
N PHE D 4 -1.33 3.28 10.71
CA PHE D 4 -0.24 3.92 9.98
C PHE D 4 -0.20 5.44 10.20
N THR D 5 0.23 5.82 11.40
CA THR D 5 0.34 7.22 11.79
C THR D 5 1.72 7.50 12.34
N GLN D 6 2.06 8.77 12.48
CA GLN D 6 3.37 9.11 13.01
C GLN D 6 3.38 8.85 14.49
N PHE D 7 4.57 8.62 15.03
CA PHE D 7 4.73 8.37 16.46
C PHE D 7 6.11 8.78 16.91
N VAL D 8 6.28 8.85 18.23
CA VAL D 8 7.55 9.23 18.82
C VAL D 8 8.42 8.01 18.99
N LEU D 9 9.51 7.96 18.23
CA LEU D 9 10.43 6.84 18.26
C LEU D 9 11.39 6.98 19.44
N VAL D 10 11.95 8.18 19.60
CA VAL D 10 12.88 8.45 20.69
C VAL D 10 12.27 9.51 21.57
N ASP D 11 11.92 9.11 22.78
CA ASP D 11 11.31 10.03 23.73
C ASP D 11 12.39 10.61 24.65
N ASN D 12 12.71 11.88 24.42
CA ASN D 12 13.70 12.57 25.21
C ASN D 12 13.02 13.57 26.14
N GLY D 13 11.77 13.26 26.49
CA GLY D 13 10.99 14.12 27.37
C GLY D 13 10.60 15.44 26.77
N GLY D 14 9.70 15.41 25.79
CA GLY D 14 9.23 16.64 25.15
C GLY D 14 10.22 17.39 24.27
N THR D 15 11.34 17.81 24.84
CA THR D 15 12.35 18.55 24.09
C THR D 15 13.49 17.68 23.58
N GLY D 16 13.56 17.53 22.26
CA GLY D 16 14.60 16.71 21.66
C GLY D 16 14.04 15.36 21.25
N ASP D 17 12.73 15.30 21.09
CA ASP D 17 12.06 14.07 20.71
C ASP D 17 12.27 13.78 19.24
N VAL D 18 12.35 12.51 18.90
CA VAL D 18 12.49 12.12 17.51
C VAL D 18 11.18 11.48 17.10
N THR D 19 10.57 12.07 16.08
CA THR D 19 9.30 11.58 15.57
C THR D 19 9.53 11.04 14.17
N VAL D 20 8.95 9.89 13.88
CA VAL D 20 9.06 9.30 12.56
C VAL D 20 7.65 9.31 12.00
N ALA D 21 7.52 9.61 10.71
CA ALA D 21 6.20 9.66 10.08
C ALA D 21 6.12 8.82 8.82
N PRO D 22 4.90 8.40 8.47
CA PRO D 22 4.67 7.59 7.27
C PRO D 22 5.36 8.20 6.07
N SER D 23 6.15 7.39 5.37
CA SER D 23 6.90 7.85 4.21
C SER D 23 6.79 6.91 3.01
N ASN D 24 6.23 5.73 3.21
CA ASN D 24 6.07 4.79 2.11
C ASN D 24 5.22 3.58 2.48
N PHE D 25 4.48 3.07 1.49
CA PHE D 25 3.64 1.90 1.70
C PHE D 25 3.69 0.96 0.50
N ALA D 26 4.78 1.06 -0.25
CA ALA D 26 4.95 0.23 -1.44
C ALA D 26 5.11 -1.23 -1.05
N ASN D 27 4.23 -2.07 -1.61
CA ASN D 27 4.24 -3.50 -1.36
C ASN D 27 3.77 -3.94 0.01
N GLY D 28 2.91 -3.15 0.63
CA GLY D 28 2.41 -3.51 1.94
C GLY D 28 3.45 -3.33 3.03
N VAL D 29 4.65 -2.91 2.65
CA VAL D 29 5.71 -2.66 3.62
C VAL D 29 5.60 -1.20 4.06
N ALA D 30 5.18 -1.01 5.31
CA ALA D 30 5.01 0.31 5.87
C ALA D 30 6.35 0.89 6.28
N GLU D 31 6.53 2.18 6.00
CA GLU D 31 7.78 2.85 6.33
C GLU D 31 7.57 4.21 6.96
N TRP D 32 8.37 4.49 7.98
CA TRP D 32 8.35 5.77 8.68
C TRP D 32 9.78 6.30 8.68
N ILE D 33 9.94 7.62 8.63
CA ILE D 33 11.28 8.19 8.71
C ILE D 33 11.22 9.54 9.39
N SER D 34 12.34 9.94 9.97
CA SER D 34 12.43 11.23 10.63
C SER D 34 12.68 12.31 9.58
N SER D 35 12.59 13.57 9.97
CA SER D 35 12.81 14.67 9.04
C SER D 35 14.32 14.92 8.86
N ASN D 36 14.96 14.08 8.07
CA ASN D 36 16.40 14.20 7.82
C ASN D 36 16.68 13.72 6.40
N SER D 37 17.94 13.83 5.99
CA SER D 37 18.37 13.33 4.69
C SER D 37 18.22 11.81 4.89
N ARG D 38 17.92 11.06 3.84
CA ARG D 38 17.76 9.63 4.02
C ARG D 38 18.99 8.94 4.61
N SER D 39 20.15 9.57 4.47
CA SER D 39 21.38 9.00 5.00
C SER D 39 21.55 9.21 6.50
N GLN D 40 20.86 10.19 7.06
CA GLN D 40 20.96 10.48 8.48
C GLN D 40 19.65 10.27 9.22
N ALA D 41 18.65 9.73 8.53
CA ALA D 41 17.35 9.54 9.15
C ALA D 41 17.17 8.33 10.04
N TYR D 42 16.12 8.38 10.84
CA TYR D 42 15.73 7.28 11.70
C TYR D 42 14.71 6.62 10.78
N LYS D 43 14.89 5.35 10.47
CA LYS D 43 13.95 4.68 9.59
C LYS D 43 13.34 3.48 10.28
N VAL D 44 12.06 3.24 10.00
CA VAL D 44 11.36 2.11 10.56
C VAL D 44 10.49 1.49 9.48
N THR D 45 10.59 0.18 9.31
CA THR D 45 9.75 -0.51 8.34
C THR D 45 9.14 -1.71 9.03
N CYS D 46 7.95 -2.11 8.58
CA CYS D 46 7.26 -3.23 9.17
C CYS D 46 6.37 -3.90 8.14
N SER D 47 6.33 -5.22 8.18
CA SER D 47 5.49 -5.98 7.26
C SER D 47 5.16 -7.31 7.93
N VAL D 48 4.05 -7.89 7.53
CA VAL D 48 3.64 -9.17 8.09
C VAL D 48 3.17 -10.09 6.98
N ARG D 49 3.53 -11.36 7.09
CA ARG D 49 3.17 -12.34 6.09
C ARG D 49 2.98 -13.69 6.75
N GLN D 50 2.35 -14.60 6.03
CA GLN D 50 2.17 -15.95 6.52
C GLN D 50 3.40 -16.69 6.01
N SER D 51 4.38 -16.88 6.88
CA SER D 51 5.64 -17.52 6.52
C SER D 51 5.51 -19.00 6.18
N SER D 52 4.63 -19.68 6.90
CA SER D 52 4.41 -21.10 6.68
C SER D 52 2.94 -21.40 6.96
N ALA D 53 2.58 -22.67 6.93
CA ALA D 53 1.19 -23.04 7.16
C ALA D 53 0.75 -22.78 8.59
N GLN D 54 1.66 -22.96 9.55
CA GLN D 54 1.33 -22.76 10.95
C GLN D 54 1.74 -21.41 11.54
N ASN D 55 2.58 -20.68 10.82
CA ASN D 55 3.06 -19.41 11.34
C ASN D 55 2.80 -18.16 10.54
N ARG D 56 2.77 -17.04 11.25
CA ARG D 56 2.64 -15.73 10.65
C ARG D 56 3.96 -15.10 11.12
N LYS D 57 4.52 -14.20 10.33
CA LYS D 57 5.79 -13.61 10.70
C LYS D 57 5.84 -12.10 10.45
N TYR D 58 6.17 -11.35 11.50
CA TYR D 58 6.28 -9.91 11.39
C TYR D 58 7.76 -9.62 11.19
N THR D 59 8.09 -8.79 10.20
CA THR D 59 9.48 -8.44 9.99
C THR D 59 9.57 -6.94 10.24
N ILE D 60 10.31 -6.58 11.28
CA ILE D 60 10.49 -5.18 11.66
C ILE D 60 11.94 -4.78 11.53
N LYS D 61 12.19 -3.65 10.89
CA LYS D 61 13.55 -3.16 10.73
C LYS D 61 13.64 -1.72 11.21
N VAL D 62 14.78 -1.37 11.81
CA VAL D 62 14.99 -0.03 12.31
C VAL D 62 16.41 0.37 12.00
N GLU D 63 16.59 1.63 11.60
CA GLU D 63 17.92 2.16 11.31
C GLU D 63 18.08 3.38 12.21
N VAL D 64 19.16 3.42 12.97
CA VAL D 64 19.44 4.55 13.87
C VAL D 64 20.75 5.20 13.49
N PRO D 65 20.75 6.52 13.32
CA PRO D 65 21.96 7.25 12.94
C PRO D 65 22.92 7.45 14.11
N LYS D 66 24.21 7.51 13.80
CA LYS D 66 25.21 7.77 14.83
C LYS D 66 25.19 9.30 14.91
N VAL D 67 24.90 9.83 16.09
CA VAL D 67 24.80 11.27 16.26
C VAL D 67 26.07 11.98 16.74
N ALA D 68 26.85 11.33 17.59
CA ALA D 68 28.09 11.95 18.10
C ALA D 68 29.03 12.36 16.96
N THR D 69 29.38 13.64 16.91
CA THR D 69 30.27 14.24 15.89
C THR D 69 29.64 14.31 14.50
N GLN D 70 28.35 14.04 14.43
CA GLN D 70 27.61 14.09 13.18
C GLN D 70 27.58 15.51 12.63
N THR D 71 27.56 15.64 11.31
CA THR D 71 27.49 16.94 10.65
C THR D 71 26.14 16.93 9.93
N VAL D 72 25.16 17.62 10.52
CA VAL D 72 23.82 17.63 9.95
C VAL D 72 23.75 18.06 8.49
N GLY D 73 23.12 17.19 7.70
CA GLY D 73 22.95 17.44 6.27
C GLY D 73 24.21 17.23 5.46
N GLY D 74 25.25 16.72 6.10
CA GLY D 74 26.52 16.51 5.41
C GLY D 74 26.66 15.14 4.80
N VAL D 75 27.71 14.95 4.01
CA VAL D 75 27.96 13.67 3.39
C VAL D 75 28.94 12.93 4.28
N GLU D 76 28.45 11.92 4.99
CA GLU D 76 29.27 11.13 5.89
C GLU D 76 29.52 9.72 5.36
N LEU D 77 30.77 9.44 5.06
CA LEU D 77 31.21 8.16 4.54
C LEU D 77 32.31 7.60 5.44
N PRO D 78 32.40 6.27 5.58
CA PRO D 78 31.54 5.27 4.97
C PRO D 78 30.24 5.10 5.74
N VAL D 79 29.17 4.83 5.01
CA VAL D 79 27.85 4.66 5.59
C VAL D 79 27.79 3.72 6.79
N ALA D 80 28.49 2.60 6.68
CA ALA D 80 28.49 1.60 7.74
C ALA D 80 29.05 2.07 9.06
N ALA D 81 29.73 3.23 9.05
CA ALA D 81 30.32 3.75 10.27
C ALA D 81 29.34 4.67 10.97
N TRP D 82 28.37 5.16 10.22
CA TRP D 82 27.41 6.11 10.75
C TRP D 82 26.02 5.57 10.98
N ARG D 83 25.83 4.26 10.93
CA ARG D 83 24.50 3.70 11.12
C ARG D 83 24.43 2.37 11.83
N SER D 84 23.38 2.21 12.63
CA SER D 84 23.14 0.97 13.35
C SER D 84 21.88 0.36 12.75
N TYR D 85 21.87 -0.97 12.61
CA TYR D 85 20.72 -1.63 12.02
C TYR D 85 20.11 -2.67 12.94
N LEU D 86 18.80 -2.58 13.11
CA LEU D 86 18.08 -3.53 13.93
C LEU D 86 17.16 -4.30 13.02
N ASN D 87 17.21 -5.62 13.11
CA ASN D 87 16.34 -6.47 12.31
C ASN D 87 15.64 -7.44 13.25
N MET D 88 14.32 -7.33 13.33
CA MET D 88 13.51 -8.17 14.19
C MET D 88 12.58 -9.04 13.37
N GLU D 89 12.46 -10.30 13.76
CA GLU D 89 11.56 -11.20 13.09
C GLU D 89 10.76 -11.89 14.19
N LEU D 90 9.45 -11.67 14.17
CA LEU D 90 8.55 -12.22 15.16
C LEU D 90 7.66 -13.28 14.51
N THR D 91 7.82 -14.52 14.94
CA THR D 91 7.03 -15.61 14.40
C THR D 91 5.92 -15.96 15.39
N ILE D 92 4.67 -15.92 14.93
CA ILE D 92 3.53 -16.22 15.78
C ILE D 92 2.62 -17.27 15.18
N PRO D 93 2.49 -18.44 15.84
CA PRO D 93 1.63 -19.53 15.37
C PRO D 93 0.21 -19.03 15.12
N ILE D 94 -0.44 -19.55 14.08
CA ILE D 94 -1.80 -19.10 13.73
C ILE D 94 -2.85 -19.31 14.81
N PHE D 95 -2.48 -20.00 15.88
CA PHE D 95 -3.42 -20.27 16.96
C PHE D 95 -3.49 -19.15 17.98
N ALA D 96 -2.49 -18.28 17.94
CA ALA D 96 -2.42 -17.17 18.88
C ALA D 96 -3.62 -16.25 18.79
N THR D 97 -4.27 -16.05 19.93
CA THR D 97 -5.43 -15.16 20.00
C THR D 97 -4.90 -13.76 20.25
N ASN D 98 -5.79 -12.78 20.26
CA ASN D 98 -5.35 -11.41 20.50
C ASN D 98 -4.67 -11.31 21.86
N SER D 99 -5.24 -12.00 22.85
CA SER D 99 -4.67 -12.00 24.21
C SER D 99 -3.27 -12.58 24.17
N ASP D 100 -3.12 -13.71 23.50
CA ASP D 100 -1.80 -14.33 23.39
C ASP D 100 -0.82 -13.29 22.85
N CYS D 101 -1.23 -12.59 21.80
CA CYS D 101 -0.38 -11.58 21.17
C CYS D 101 -0.07 -10.40 22.08
N GLU D 102 -1.01 -10.04 22.94
CA GLU D 102 -0.78 -8.94 23.87
C GLU D 102 0.38 -9.35 24.80
N LEU D 103 0.34 -10.61 25.23
CA LEU D 103 1.38 -11.14 26.10
C LEU D 103 2.74 -11.09 25.41
N ILE D 104 2.76 -11.49 24.15
CA ILE D 104 3.98 -11.49 23.36
C ILE D 104 4.55 -10.07 23.32
N VAL D 105 3.68 -9.08 23.13
CA VAL D 105 4.14 -7.71 23.10
C VAL D 105 4.70 -7.31 24.46
N LYS D 106 4.00 -7.67 25.53
CA LYS D 106 4.45 -7.35 26.88
C LYS D 106 5.87 -7.90 27.09
N ALA D 107 6.08 -9.15 26.68
CA ALA D 107 7.39 -9.79 26.81
C ALA D 107 8.46 -8.98 26.09
N MET D 108 8.13 -8.43 24.93
CA MET D 108 9.09 -7.62 24.17
C MET D 108 9.40 -6.31 24.90
N GLN D 109 8.38 -5.72 25.49
CA GLN D 109 8.57 -4.46 26.21
C GLN D 109 9.43 -4.75 27.43
N GLY D 110 9.15 -5.87 28.10
CA GLY D 110 9.90 -6.23 29.28
C GLY D 110 11.37 -6.47 28.96
N LEU D 111 11.61 -7.16 27.86
CA LEU D 111 12.97 -7.46 27.45
C LEU D 111 13.81 -6.18 27.36
N LEU D 112 13.19 -5.10 26.88
CA LEU D 112 13.90 -3.83 26.70
C LEU D 112 13.64 -2.74 27.72
N LYS D 113 12.97 -3.05 28.81
CA LYS D 113 12.69 -2.03 29.81
C LYS D 113 13.99 -1.48 30.39
N ASP D 114 14.00 -0.20 30.75
CA ASP D 114 15.19 0.41 31.31
C ASP D 114 15.64 -0.33 32.56
N GLY D 115 16.94 -0.55 32.68
CA GLY D 115 17.47 -1.22 33.85
C GLY D 115 17.63 -2.72 33.70
N ASN D 116 17.06 -3.29 32.64
CA ASN D 116 17.17 -4.72 32.45
C ASN D 116 18.50 -5.03 31.76
N PRO D 117 18.97 -6.28 31.90
CA PRO D 117 20.25 -6.70 31.31
C PRO D 117 20.54 -6.30 29.86
N ILE D 118 19.71 -6.74 28.92
CA ILE D 118 19.94 -6.44 27.50
C ILE D 118 20.08 -4.95 27.18
N PRO D 119 19.07 -4.14 27.54
CA PRO D 119 19.24 -2.71 27.24
C PRO D 119 20.46 -2.09 27.93
N SER D 120 20.72 -2.51 29.17
CA SER D 120 21.85 -1.98 29.92
C SER D 120 23.17 -2.31 29.25
N ALA D 121 23.26 -3.53 28.73
CA ALA D 121 24.48 -3.98 28.06
C ALA D 121 24.71 -3.17 26.79
N ILE D 122 23.68 -3.13 25.95
CA ILE D 122 23.76 -2.41 24.70
C ILE D 122 24.19 -0.97 24.92
N ALA D 123 23.50 -0.30 25.84
CA ALA D 123 23.76 1.09 26.14
C ALA D 123 25.14 1.35 26.71
N ALA D 124 25.82 0.30 27.14
CA ALA D 124 27.14 0.47 27.71
C ALA D 124 28.24 -0.13 26.84
N ASN D 125 27.90 -0.41 25.58
CA ASN D 125 28.87 -0.97 24.67
C ASN D 125 29.41 -2.26 25.27
N SER D 126 28.57 -2.99 26.00
CA SER D 126 29.05 -4.21 26.64
C SER D 126 28.31 -5.49 26.28
N GLY D 127 28.86 -6.60 26.77
CA GLY D 127 28.25 -7.89 26.58
C GLY D 127 27.68 -8.27 27.93
N ILE D 128 27.48 -9.56 28.18
CA ILE D 128 26.96 -10.00 29.47
C ILE D 128 28.15 -10.46 30.31
N TYR D 129 28.14 -10.14 31.60
CA TYR D 129 29.24 -10.51 32.49
C TYR D 129 28.81 -10.57 33.95
N ALA E 1 -5.86 9.33 0.28
CA ALA E 1 -6.92 8.37 -0.11
C ALA E 1 -6.42 6.92 -0.05
N SER E 2 -7.33 6.00 0.27
CA SER E 2 -6.99 4.59 0.36
C SER E 2 -8.25 3.74 0.51
N ASN E 3 -8.36 2.70 -0.30
CA ASN E 3 -9.50 1.81 -0.19
C ASN E 3 -9.04 0.50 0.43
N PHE E 4 -7.77 0.44 0.81
CA PHE E 4 -7.21 -0.74 1.45
C PHE E 4 -7.37 -0.49 2.95
N THR E 5 -8.61 -0.49 3.39
CA THR E 5 -8.91 -0.24 4.79
C THR E 5 -9.79 -1.36 5.31
N GLN E 6 -10.09 -1.31 6.59
CA GLN E 6 -10.92 -2.33 7.18
C GLN E 6 -12.38 -2.08 6.87
N PHE E 7 -13.17 -3.16 6.81
CA PHE E 7 -14.58 -3.03 6.53
C PHE E 7 -15.36 -4.18 7.12
N VAL E 8 -16.67 -3.98 7.23
CA VAL E 8 -17.56 -4.99 7.77
C VAL E 8 -17.93 -5.97 6.68
N LEU E 9 -17.50 -7.22 6.85
CA LEU E 9 -17.78 -8.27 5.91
C LEU E 9 -19.14 -8.88 6.20
N VAL E 10 -19.45 -9.02 7.48
CA VAL E 10 -20.72 -9.59 7.90
C VAL E 10 -21.41 -8.61 8.83
N ASP E 11 -22.60 -8.17 8.42
CA ASP E 11 -23.41 -7.21 9.17
C ASP E 11 -24.43 -7.96 10.03
N ASN E 12 -24.00 -8.43 11.19
CA ASN E 12 -24.89 -9.16 12.10
C ASN E 12 -25.42 -8.17 13.11
N GLY E 13 -26.36 -7.34 12.67
CA GLY E 13 -26.90 -6.33 13.55
C GLY E 13 -25.80 -5.31 13.72
N GLY E 14 -25.48 -4.97 14.96
CA GLY E 14 -24.42 -4.01 15.21
C GLY E 14 -23.52 -4.60 16.28
N THR E 15 -23.75 -5.87 16.57
CA THR E 15 -23.00 -6.60 17.59
C THR E 15 -22.00 -7.61 17.02
N GLY E 16 -22.47 -8.83 16.74
CA GLY E 16 -21.60 -9.86 16.20
C GLY E 16 -21.09 -9.59 14.80
N ASP E 17 -20.77 -8.32 14.53
CA ASP E 17 -20.27 -7.90 13.22
C ASP E 17 -18.88 -8.42 12.95
N VAL E 18 -18.69 -9.03 11.78
CA VAL E 18 -17.37 -9.52 11.44
C VAL E 18 -16.69 -8.45 10.61
N THR E 19 -15.53 -8.01 11.09
CA THR E 19 -14.76 -7.00 10.39
C THR E 19 -13.43 -7.58 9.97
N VAL E 20 -13.01 -7.24 8.76
CA VAL E 20 -11.72 -7.72 8.29
C VAL E 20 -10.84 -6.49 8.11
N ALA E 21 -9.56 -6.64 8.43
CA ALA E 21 -8.62 -5.53 8.32
C ALA E 21 -7.44 -5.85 7.44
N PRO E 22 -6.89 -4.83 6.77
CA PRO E 22 -5.72 -5.03 5.90
C PRO E 22 -4.64 -5.82 6.62
N SER E 23 -4.11 -6.84 5.96
CA SER E 23 -3.07 -7.66 6.56
C SER E 23 -1.80 -7.67 5.72
N ASN E 24 -1.97 -7.76 4.42
CA ASN E 24 -0.81 -7.83 3.55
C ASN E 24 -1.20 -7.43 2.12
N PHE E 25 -0.26 -6.81 1.39
CA PHE E 25 -0.53 -6.41 0.02
C PHE E 25 0.70 -6.70 -0.82
N ALA E 26 1.13 -7.95 -0.79
CA ALA E 26 2.31 -8.36 -1.55
C ALA E 26 1.97 -8.94 -2.92
N ASN E 27 2.78 -8.58 -3.91
CA ASN E 27 2.61 -9.06 -5.26
C ASN E 27 1.24 -8.78 -5.85
N GLY E 28 0.77 -7.56 -5.69
CA GLY E 28 -0.52 -7.20 -6.23
C GLY E 28 -1.74 -7.91 -5.67
N VAL E 29 -1.59 -8.59 -4.54
CA VAL E 29 -2.73 -9.26 -3.94
C VAL E 29 -3.03 -8.68 -2.57
N ALA E 30 -4.13 -7.95 -2.50
CA ALA E 30 -4.57 -7.33 -1.25
C ALA E 30 -5.24 -8.40 -0.41
N GLU E 31 -4.96 -8.41 0.88
CA GLU E 31 -5.55 -9.39 1.77
C GLU E 31 -6.05 -8.79 3.08
N TRP E 32 -7.28 -9.14 3.44
CA TRP E 32 -7.89 -8.67 4.69
C TRP E 32 -8.11 -9.91 5.55
N ILE E 33 -7.98 -9.76 6.86
CA ILE E 33 -8.19 -10.87 7.79
C ILE E 33 -8.92 -10.35 9.02
N SER E 34 -9.87 -11.13 9.52
CA SER E 34 -10.60 -10.73 10.72
C SER E 34 -9.65 -10.92 11.92
N SER E 35 -9.97 -10.30 13.05
CA SER E 35 -9.10 -10.40 14.23
C SER E 35 -9.13 -11.74 14.96
N ASN E 36 -8.18 -11.90 15.87
CA ASN E 36 -8.01 -13.11 16.67
C ASN E 36 -7.35 -14.24 15.92
N SER E 37 -7.19 -15.40 16.56
CA SER E 37 -6.52 -16.54 15.97
C SER E 37 -6.72 -16.57 14.46
N ARG E 38 -5.60 -16.45 13.74
CA ARG E 38 -5.59 -16.47 12.30
C ARG E 38 -6.22 -17.78 11.81
N SER E 39 -6.11 -18.82 12.65
CA SER E 39 -6.66 -20.14 12.33
C SER E 39 -8.17 -20.15 12.22
N GLN E 40 -8.84 -19.20 12.85
CA GLN E 40 -10.30 -19.11 12.81
C GLN E 40 -10.77 -17.83 12.14
N ALA E 41 -9.86 -17.15 11.46
CA ALA E 41 -10.19 -15.88 10.84
C ALA E 41 -10.87 -15.96 9.48
N TYR E 42 -11.62 -14.90 9.17
CA TYR E 42 -12.26 -14.78 7.86
C TYR E 42 -11.18 -14.16 6.99
N LYS E 43 -11.16 -14.54 5.72
CA LYS E 43 -10.15 -14.02 4.82
C LYS E 43 -10.76 -13.49 3.54
N VAL E 44 -10.24 -12.38 3.06
CA VAL E 44 -10.72 -11.79 1.82
C VAL E 44 -9.48 -11.34 1.07
N THR E 45 -9.38 -11.69 -0.20
CA THR E 45 -8.25 -11.27 -0.99
C THR E 45 -8.79 -10.76 -2.30
N CYS E 46 -8.07 -9.83 -2.90
CA CYS E 46 -8.51 -9.25 -4.14
C CYS E 46 -7.32 -8.80 -4.96
N SER E 47 -7.42 -8.92 -6.27
CA SER E 47 -6.36 -8.51 -7.16
C SER E 47 -6.93 -8.25 -8.54
N VAL E 48 -6.30 -7.34 -9.28
CA VAL E 48 -6.76 -7.01 -10.61
C VAL E 48 -5.55 -7.01 -11.54
N ARG E 49 -5.77 -7.42 -12.78
CA ARG E 49 -4.69 -7.45 -13.74
C ARG E 49 -5.23 -7.42 -15.16
N GLN E 50 -4.35 -7.14 -16.11
CA GLN E 50 -4.72 -7.09 -17.51
C GLN E 50 -4.62 -8.52 -18.03
N SER E 51 -5.76 -9.22 -18.08
CA SER E 51 -5.79 -10.61 -18.53
C SER E 51 -5.49 -10.75 -20.02
N SER E 52 -5.86 -9.74 -20.78
CA SER E 52 -5.63 -9.75 -22.22
C SER E 52 -5.52 -8.31 -22.70
N ALA E 53 -5.37 -8.13 -24.01
CA ALA E 53 -5.22 -6.79 -24.57
C ALA E 53 -6.43 -5.88 -24.29
N GLN E 54 -7.63 -6.45 -24.30
CA GLN E 54 -8.83 -5.66 -24.10
C GLN E 54 -9.53 -5.89 -22.77
N ASN E 55 -9.07 -6.88 -22.02
CA ASN E 55 -9.71 -7.20 -20.76
C ASN E 55 -8.89 -6.96 -19.50
N ARG E 56 -9.59 -6.54 -18.46
CA ARG E 56 -8.97 -6.36 -17.15
C ARG E 56 -9.73 -7.41 -16.35
N LYS E 57 -9.05 -8.11 -15.46
CA LYS E 57 -9.68 -9.17 -14.70
C LYS E 57 -9.48 -9.07 -13.19
N TYR E 58 -10.58 -9.07 -12.45
CA TYR E 58 -10.53 -9.02 -10.99
C TYR E 58 -10.66 -10.45 -10.48
N THR E 59 -9.93 -10.77 -9.42
CA THR E 59 -10.03 -12.08 -8.80
C THR E 59 -10.23 -11.86 -7.30
N ILE E 60 -11.44 -12.12 -6.81
CA ILE E 60 -11.78 -11.95 -5.40
C ILE E 60 -11.93 -13.32 -4.76
N LYS E 61 -11.53 -13.43 -3.50
CA LYS E 61 -11.65 -14.68 -2.76
C LYS E 61 -12.11 -14.38 -1.34
N VAL E 62 -12.97 -15.23 -0.83
CA VAL E 62 -13.48 -15.08 0.52
C VAL E 62 -13.50 -16.44 1.20
N GLU E 63 -13.15 -16.47 2.48
CA GLU E 63 -13.16 -17.71 3.24
C GLU E 63 -14.01 -17.48 4.47
N VAL E 64 -15.01 -18.32 4.67
CA VAL E 64 -15.86 -18.21 5.84
C VAL E 64 -15.59 -19.46 6.67
N PRO E 65 -15.05 -19.27 7.87
CA PRO E 65 -14.75 -20.42 8.73
C PRO E 65 -15.86 -20.78 9.68
N LYS E 66 -15.85 -22.06 10.07
CA LYS E 66 -16.78 -22.59 11.05
C LYS E 66 -15.89 -22.73 12.28
N VAL E 67 -16.05 -21.82 13.22
CA VAL E 67 -15.24 -21.82 14.43
C VAL E 67 -15.47 -23.03 15.30
N ALA E 68 -14.39 -23.59 15.81
CA ALA E 68 -14.45 -24.77 16.67
C ALA E 68 -13.16 -24.95 17.46
N THR E 69 -13.23 -25.74 18.52
CA THR E 69 -12.07 -26.02 19.35
C THR E 69 -11.66 -27.46 19.15
N GLN E 70 -10.42 -27.66 18.72
CA GLN E 70 -9.92 -29.00 18.49
C GLN E 70 -9.14 -29.46 19.71
N THR E 71 -9.46 -30.65 20.21
CA THR E 71 -8.78 -31.19 21.37
C THR E 71 -8.08 -32.48 21.00
N VAL E 72 -6.76 -32.53 21.24
CA VAL E 72 -5.97 -33.72 20.93
C VAL E 72 -4.89 -33.92 21.98
N GLY E 73 -4.94 -35.04 22.69
CA GLY E 73 -3.96 -35.29 23.72
C GLY E 73 -4.28 -34.44 24.93
N GLY E 74 -5.47 -33.86 24.94
CA GLY E 74 -5.86 -33.01 26.07
C GLY E 74 -5.44 -31.58 25.82
N VAL E 75 -4.95 -31.31 24.61
CA VAL E 75 -4.50 -29.99 24.22
C VAL E 75 -5.51 -29.33 23.28
N GLU E 76 -6.13 -28.24 23.72
CA GLU E 76 -7.10 -27.55 22.87
C GLU E 76 -6.48 -26.43 22.04
N LEU E 77 -6.89 -26.37 20.79
CA LEU E 77 -6.41 -25.34 19.87
C LEU E 77 -7.58 -24.71 19.16
N PRO E 78 -7.55 -23.37 19.01
CA PRO E 78 -8.67 -22.74 18.31
C PRO E 78 -8.44 -23.03 16.84
N VAL E 79 -9.41 -23.68 16.20
CA VAL E 79 -9.26 -24.00 14.79
C VAL E 79 -10.57 -23.77 14.05
N ALA E 80 -10.57 -24.15 12.78
CA ALA E 80 -11.76 -24.04 11.95
C ALA E 80 -12.15 -25.46 11.57
N ALA E 81 -13.32 -25.89 12.02
CA ALA E 81 -13.82 -27.22 11.72
C ALA E 81 -13.72 -27.45 10.20
N TRP E 82 -14.13 -26.45 9.44
CA TRP E 82 -14.07 -26.49 7.98
C TRP E 82 -14.23 -25.06 7.48
N ARG E 83 -14.12 -24.86 6.18
CA ARG E 83 -14.24 -23.53 5.62
C ARG E 83 -15.04 -23.54 4.34
N SER E 84 -15.81 -22.48 4.13
CA SER E 84 -16.58 -22.33 2.91
C SER E 84 -15.69 -21.42 2.04
N TYR E 85 -15.47 -21.80 0.79
CA TYR E 85 -14.61 -21.02 -0.11
C TYR E 85 -15.34 -20.35 -1.27
N LEU E 86 -15.21 -19.04 -1.38
CA LEU E 86 -15.83 -18.30 -2.49
C LEU E 86 -14.71 -17.81 -3.38
N ASN E 87 -14.74 -18.20 -4.64
CA ASN E 87 -13.73 -17.78 -5.59
C ASN E 87 -14.44 -17.14 -6.79
N MET E 88 -14.28 -15.83 -6.98
CA MET E 88 -14.92 -15.20 -8.13
C MET E 88 -13.99 -14.40 -9.03
N GLU E 89 -14.29 -14.42 -10.32
CA GLU E 89 -13.53 -13.73 -11.34
C GLU E 89 -14.45 -12.83 -12.16
N LEU E 90 -14.09 -11.56 -12.26
CA LEU E 90 -14.88 -10.59 -13.00
C LEU E 90 -14.02 -10.00 -14.12
N THR E 91 -14.47 -10.16 -15.36
CA THR E 91 -13.76 -9.65 -16.52
C THR E 91 -14.46 -8.42 -17.09
N ILE E 92 -13.72 -7.31 -17.20
CA ILE E 92 -14.28 -6.07 -17.73
C ILE E 92 -13.42 -5.47 -18.83
N PRO E 93 -13.99 -5.34 -20.05
CA PRO E 93 -13.26 -4.76 -21.19
C PRO E 93 -12.81 -3.33 -20.88
N ILE E 94 -11.71 -2.90 -21.48
CA ILE E 94 -11.17 -1.57 -21.23
C ILE E 94 -12.00 -0.43 -21.79
N PHE E 95 -13.11 -0.76 -22.44
CA PHE E 95 -13.98 0.27 -23.00
C PHE E 95 -15.04 0.68 -22.00
N ALA E 96 -15.10 -0.05 -20.90
CA ALA E 96 -16.10 0.23 -19.88
C ALA E 96 -15.80 1.56 -19.20
N THR E 97 -16.79 2.43 -19.17
CA THR E 97 -16.64 3.72 -18.54
C THR E 97 -16.99 3.51 -17.06
N ASN E 98 -16.85 4.56 -16.27
CA ASN E 98 -17.17 4.43 -14.85
C ASN E 98 -18.63 4.05 -14.69
N SER E 99 -19.50 4.61 -15.53
CA SER E 99 -20.93 4.31 -15.45
C SER E 99 -21.17 2.85 -15.78
N ASP E 100 -20.49 2.35 -16.80
CA ASP E 100 -20.62 0.95 -17.18
C ASP E 100 -20.26 0.07 -15.99
N CYS E 101 -19.21 0.45 -15.26
CA CYS E 101 -18.75 -0.32 -14.11
C CYS E 101 -19.72 -0.26 -12.94
N GLU E 102 -20.35 0.90 -12.74
CA GLU E 102 -21.30 1.06 -11.66
C GLU E 102 -22.46 0.09 -11.87
N LEU E 103 -22.81 -0.08 -13.14
CA LEU E 103 -23.89 -0.98 -13.53
C LEU E 103 -23.50 -2.41 -13.18
N ILE E 104 -22.31 -2.81 -13.60
CA ILE E 104 -21.81 -4.15 -13.31
C ILE E 104 -21.93 -4.43 -11.81
N VAL E 105 -21.54 -3.45 -11.00
CA VAL E 105 -21.61 -3.62 -9.55
C VAL E 105 -23.06 -3.78 -9.09
N LYS E 106 -23.96 -2.95 -9.62
CA LYS E 106 -25.38 -3.06 -9.24
C LYS E 106 -25.89 -4.46 -9.57
N ALA E 107 -25.46 -5.00 -10.71
CA ALA E 107 -25.89 -6.33 -11.12
C ALA E 107 -25.43 -7.37 -10.09
N MET E 108 -24.20 -7.22 -9.62
CA MET E 108 -23.67 -8.15 -8.63
C MET E 108 -24.44 -8.03 -7.33
N GLN E 109 -24.76 -6.82 -6.94
CA GLN E 109 -25.51 -6.59 -5.71
C GLN E 109 -26.91 -7.16 -5.85
N GLY E 110 -27.52 -6.96 -7.02
CA GLY E 110 -28.85 -7.48 -7.25
C GLY E 110 -28.89 -9.00 -7.24
N LEU E 111 -27.90 -9.62 -7.85
CA LEU E 111 -27.83 -11.07 -7.89
C LEU E 111 -27.88 -11.69 -6.49
N LEU E 112 -27.32 -10.98 -5.51
CA LEU E 112 -27.28 -11.49 -4.13
C LEU E 112 -28.23 -10.82 -3.15
N LYS E 113 -29.10 -9.95 -3.65
CA LYS E 113 -30.04 -9.27 -2.78
C LYS E 113 -30.93 -10.28 -2.05
N ASP E 114 -31.26 -9.95 -0.80
CA ASP E 114 -32.10 -10.82 0.01
C ASP E 114 -33.41 -11.10 -0.71
N GLY E 115 -33.81 -12.38 -0.73
CA GLY E 115 -35.06 -12.74 -1.37
C GLY E 115 -34.95 -13.26 -2.80
N ASN E 116 -33.89 -12.88 -3.49
CA ASN E 116 -33.71 -13.33 -4.85
C ASN E 116 -33.34 -14.81 -4.89
N PRO E 117 -33.57 -15.46 -6.03
CA PRO E 117 -33.28 -16.89 -6.21
C PRO E 117 -31.95 -17.43 -5.70
N ILE E 118 -30.84 -16.95 -6.25
CA ILE E 118 -29.54 -17.46 -5.85
C ILE E 118 -29.24 -17.37 -4.34
N PRO E 119 -29.42 -16.19 -3.73
CA PRO E 119 -29.12 -16.10 -2.29
C PRO E 119 -30.02 -17.04 -1.48
N SER E 120 -31.30 -17.06 -1.83
CA SER E 120 -32.28 -17.90 -1.14
C SER E 120 -31.89 -19.37 -1.19
N ALA E 121 -31.49 -19.82 -2.36
CA ALA E 121 -31.10 -21.21 -2.53
C ALA E 121 -29.91 -21.57 -1.64
N ILE E 122 -28.85 -20.76 -1.70
CA ILE E 122 -27.65 -20.99 -0.91
C ILE E 122 -27.95 -21.02 0.59
N ALA E 123 -28.67 -20.01 1.05
CA ALA E 123 -29.02 -19.88 2.46
C ALA E 123 -29.87 -21.04 2.95
N ALA E 124 -30.36 -21.84 2.03
CA ALA E 124 -31.22 -22.94 2.43
C ALA E 124 -30.69 -24.29 2.02
N ASN E 125 -29.38 -24.40 1.82
CA ASN E 125 -28.78 -25.67 1.43
C ASN E 125 -29.53 -26.22 0.22
N SER E 126 -30.01 -25.35 -0.66
CA SER E 126 -30.77 -25.81 -1.82
C SER E 126 -30.21 -25.39 -3.16
N GLY E 127 -30.84 -25.92 -4.21
CA GLY E 127 -30.46 -25.60 -5.57
C GLY E 127 -31.63 -24.84 -6.17
N ILE E 128 -31.80 -24.90 -7.48
CA ILE E 128 -32.91 -24.21 -8.11
C ILE E 128 -34.03 -25.22 -8.35
N TYR E 129 -35.27 -24.77 -8.16
CA TYR E 129 -36.42 -25.65 -8.34
C TYR E 129 -37.67 -24.85 -8.71
#